data_3WLU
#
_entry.id   3WLU
#
_cell.length_a   35.732
_cell.length_b   68.167
_cell.length_c   224.156
_cell.angle_alpha   90.00
_cell.angle_beta   90.00
_cell.angle_gamma   90.00
#
_symmetry.space_group_name_H-M   'P 21 21 21'
#
loop_
_entity.id
_entity.type
_entity.pdbx_description
1 polymer Galectin-9
2 non-polymer '2-(trimethylsilyl)ethyl 4-O-beta-D-galactopyranosyl-6-Se-methyl-6-seleno-beta-D-glucopyranoside'
3 water water
#
_entity_poly.entity_id   1
_entity_poly.type   'polypeptide(L)'
_entity_poly.pdbx_seq_one_letter_code
;GSQAPYLSPAVPFSGTIQGGLQDGLQITVNGTVLSSSGTRFAVNFQTGFSGNDIAFHFNPRFEDGGYVVCNTRQNGSWGP
EERKTHMPFQKGMPFDLCFLVQSSDFKVMVNGILFVQYFHRVPFHRVDTISVNGSVQLSYISFQ
;
_entity_poly.pdbx_strand_id   A,B,C,D
#
# COMPACT_ATOMS: atom_id res chain seq x y z
N GLN A 3 6.46 10.02 5.62
CA GLN A 3 6.83 10.98 4.55
C GLN A 3 6.61 10.44 3.14
N ALA A 4 6.03 11.28 2.30
CA ALA A 4 5.81 10.93 0.93
C ALA A 4 7.15 10.82 0.24
N PRO A 5 7.22 9.96 -0.79
CA PRO A 5 8.47 9.77 -1.48
C PRO A 5 8.86 10.96 -2.38
N TYR A 6 10.15 11.19 -2.61
CA TYR A 6 10.60 12.06 -3.67
C TYR A 6 10.55 11.32 -4.98
N LEU A 7 9.77 11.77 -5.94
CA LEU A 7 9.56 11.07 -7.21
C LEU A 7 10.36 11.82 -8.27
N SER A 8 11.13 11.09 -9.05
CA SER A 8 11.97 11.62 -10.11
C SER A 8 12.74 12.88 -9.77
N PRO A 9 13.41 12.87 -8.62
CA PRO A 9 14.21 14.03 -8.28
C PRO A 9 15.39 14.16 -9.24
N ALA A 10 15.70 15.36 -9.71
CA ALA A 10 16.85 15.63 -10.56
C ALA A 10 18.12 15.52 -9.75
N VAL A 11 19.16 15.02 -10.36
CA VAL A 11 20.47 14.91 -9.72
C VAL A 11 21.37 16.05 -10.26
N PRO A 12 22.10 16.77 -9.38
CA PRO A 12 22.18 16.56 -7.91
C PRO A 12 20.89 16.94 -7.17
N PHE A 13 20.57 16.17 -6.16
CA PHE A 13 19.39 16.33 -5.34
C PHE A 13 19.72 16.45 -3.90
N SER A 14 19.04 17.31 -3.16
CA SER A 14 19.05 17.32 -1.74
C SER A 14 17.62 17.51 -1.26
N GLY A 15 17.19 16.77 -0.25
CA GLY A 15 15.87 16.92 0.32
C GLY A 15 15.77 16.58 1.76
N THR A 16 14.86 17.23 2.43
CA THR A 16 14.63 17.00 3.83
C THR A 16 14.14 15.62 4.13
N ILE A 17 14.63 15.06 5.22
CA ILE A 17 14.10 13.84 5.81
C ILE A 17 13.22 14.27 6.99
N GLN A 18 11.91 14.18 6.83
CA GLN A 18 10.97 14.66 7.83
C GLN A 18 11.11 13.82 9.08
N GLY A 19 11.26 14.49 10.20
CA GLY A 19 11.49 13.81 11.47
C GLY A 19 12.93 13.43 11.73
N GLY A 20 13.81 13.56 10.72
CA GLY A 20 15.16 13.17 10.93
C GLY A 20 15.38 11.67 10.81
N LEU A 21 16.62 11.23 10.82
CA LEU A 21 16.92 9.81 10.94
C LEU A 21 16.50 9.33 12.31
N GLN A 22 15.91 8.14 12.32
CA GLN A 22 15.44 7.49 13.55
C GLN A 22 15.86 6.04 13.46
N ASP A 23 16.11 5.43 14.62
CA ASP A 23 16.46 3.99 14.65
C ASP A 23 15.28 3.21 14.04
N GLY A 24 15.57 2.32 13.08
CA GLY A 24 14.59 1.53 12.37
C GLY A 24 14.06 2.13 11.09
N LEU A 25 14.47 3.37 10.77
CA LEU A 25 14.05 3.98 9.51
C LEU A 25 14.79 3.32 8.35
N GLN A 26 14.04 3.01 7.29
CA GLN A 26 14.59 2.48 6.08
C GLN A 26 14.40 3.52 5.00
N ILE A 27 15.45 3.80 4.27
CA ILE A 27 15.43 4.72 3.13
C ILE A 27 15.80 3.93 1.87
N THR A 28 14.93 4.01 0.88
CA THR A 28 15.13 3.33 -0.41
C THR A 28 15.55 4.39 -1.43
N VAL A 29 16.60 4.15 -2.16
CA VAL A 29 17.05 4.99 -3.28
C VAL A 29 16.97 4.09 -4.53
N ASN A 30 16.06 4.36 -5.45
CA ASN A 30 15.84 3.56 -6.60
C ASN A 30 16.22 4.40 -7.77
N GLY A 31 17.10 3.90 -8.62
CA GLY A 31 17.59 4.65 -9.74
C GLY A 31 18.43 3.82 -10.70
N THR A 32 19.21 4.48 -11.55
CA THR A 32 19.96 3.83 -12.63
C THR A 32 21.32 4.54 -12.71
N VAL A 33 22.39 3.79 -12.75
CA VAL A 33 23.72 4.38 -12.94
C VAL A 33 23.81 4.83 -14.40
N LEU A 34 24.34 6.03 -14.62
CA LEU A 34 24.50 6.49 -15.99
C LEU A 34 25.62 5.74 -16.73
N SER A 35 25.50 5.64 -18.03
CA SER A 35 26.41 4.79 -18.82
C SER A 35 27.73 5.40 -19.18
N SER A 36 27.72 6.67 -19.52
CA SER A 36 28.96 7.30 -20.02
C SER A 36 29.01 8.76 -19.58
N SER A 37 28.80 8.97 -18.30
CA SER A 37 28.67 10.29 -17.71
C SER A 37 29.36 10.31 -16.34
N GLY A 38 30.57 9.83 -16.29
CA GLY A 38 31.40 9.88 -15.09
C GLY A 38 31.53 8.53 -14.42
N THR A 39 32.34 8.49 -13.36
CA THR A 39 32.67 7.24 -12.73
C THR A 39 32.42 7.21 -11.23
N ARG A 40 31.63 8.14 -10.70
CA ARG A 40 31.29 8.10 -9.29
C ARG A 40 29.87 8.61 -9.08
N PHE A 41 29.20 8.10 -8.06
CA PHE A 41 28.03 8.76 -7.48
C PHE A 41 28.07 8.69 -6.00
N ALA A 42 27.26 9.46 -5.32
CA ALA A 42 27.26 9.44 -3.88
C ALA A 42 25.86 9.64 -3.31
N VAL A 43 25.57 9.00 -2.20
CA VAL A 43 24.44 9.24 -1.35
C VAL A 43 24.95 9.75 -0.01
N ASN A 44 24.42 10.85 0.47
CA ASN A 44 24.90 11.51 1.67
C ASN A 44 23.78 11.70 2.64
N PHE A 45 23.96 11.29 3.89
CA PHE A 45 23.03 11.59 4.98
C PHE A 45 23.68 12.71 5.77
N GLN A 46 23.06 13.88 5.83
CA GLN A 46 23.75 15.05 6.23
C GLN A 46 22.85 15.98 7.04
N THR A 47 23.44 17.04 7.56
CA THR A 47 22.75 18.03 8.33
C THR A 47 22.63 19.30 7.52
N GLY A 48 21.42 19.65 7.14
CA GLY A 48 21.17 20.81 6.31
C GLY A 48 21.65 20.63 4.89
N PHE A 49 21.66 21.72 4.17
CA PHE A 49 21.88 21.71 2.74
C PHE A 49 23.33 22.04 2.32
N SER A 50 24.24 22.37 3.25
CA SER A 50 25.55 22.83 2.83
C SER A 50 26.44 21.71 2.31
N GLY A 51 26.26 20.50 2.84
CA GLY A 51 27.20 19.40 2.54
C GLY A 51 28.50 19.36 3.30
N ASN A 52 28.70 20.30 4.22
CA ASN A 52 29.89 20.25 5.06
C ASN A 52 29.83 19.28 6.27
N ASP A 53 28.64 18.82 6.63
CA ASP A 53 28.48 17.88 7.73
C ASP A 53 27.65 16.71 7.26
N ILE A 54 28.35 15.65 6.91
CA ILE A 54 27.79 14.48 6.33
C ILE A 54 28.08 13.32 7.30
N ALA A 55 27.05 12.84 7.96
CA ALA A 55 27.18 11.74 8.90
C ALA A 55 27.63 10.48 8.19
N PHE A 56 27.06 10.26 7.03
CA PHE A 56 27.37 9.06 6.25
C PHE A 56 27.37 9.37 4.75
N HIS A 57 28.54 9.28 4.15
CA HIS A 57 28.82 9.48 2.72
C HIS A 57 29.05 8.08 2.16
N PHE A 58 28.26 7.67 1.19
CA PHE A 58 28.32 6.34 0.56
C PHE A 58 28.63 6.63 -0.89
N ASN A 59 29.81 6.24 -1.36
CA ASN A 59 30.36 6.71 -2.64
C ASN A 59 30.96 5.63 -3.55
N PRO A 60 30.11 5.01 -4.37
CA PRO A 60 30.61 4.07 -5.33
C PRO A 60 31.48 4.72 -6.38
N ARG A 61 32.59 4.11 -6.68
CA ARG A 61 33.54 4.61 -7.67
C ARG A 61 33.89 3.52 -8.67
N PHE A 62 33.57 3.76 -9.91
CA PHE A 62 33.87 2.85 -10.98
C PHE A 62 35.29 3.08 -11.48
N GLU A 63 36.24 2.80 -10.58
CA GLU A 63 37.66 3.22 -10.78
C GLU A 63 38.50 2.16 -10.10
N ASP A 64 39.72 1.95 -10.61
CA ASP A 64 40.66 0.98 -10.04
C ASP A 64 40.06 -0.37 -9.79
N GLY A 65 39.24 -0.84 -10.73
CA GLY A 65 38.58 -2.13 -10.61
C GLY A 65 37.20 -2.09 -9.95
N GLY A 66 36.81 -0.95 -9.36
CA GLY A 66 35.49 -0.79 -8.77
C GLY A 66 35.56 -0.90 -7.27
N TYR A 67 35.12 0.13 -6.55
CA TYR A 67 35.04 0.05 -5.09
C TYR A 67 34.15 1.12 -4.58
N VAL A 68 33.72 0.97 -3.35
CA VAL A 68 32.89 1.94 -2.70
C VAL A 68 33.61 2.49 -1.49
N VAL A 69 33.54 3.80 -1.33
CA VAL A 69 34.02 4.51 -0.17
C VAL A 69 32.91 4.92 0.79
N CYS A 70 33.13 4.71 2.06
CA CYS A 70 32.24 5.18 3.09
C CYS A 70 33.04 6.08 4.02
N ASN A 71 32.48 7.24 4.41
CA ASN A 71 33.16 8.15 5.28
C ASN A 71 32.17 9.12 5.93
N THR A 72 32.70 10.00 6.75
CA THR A 72 31.94 11.03 7.48
C THR A 72 32.70 12.34 7.35
N ARG A 73 31.96 13.44 7.07
CA ARG A 73 32.52 14.76 6.97
C ARG A 73 32.03 15.58 8.15
N GLN A 74 32.96 16.16 8.88
CA GLN A 74 32.61 17.01 10.02
C GLN A 74 33.22 18.37 9.80
N ASN A 75 32.38 19.38 9.67
CA ASN A 75 32.83 20.72 9.41
C ASN A 75 33.77 20.82 8.21
N GLY A 76 33.45 20.04 7.18
CA GLY A 76 34.27 20.09 5.95
C GLY A 76 35.40 19.05 5.89
N SER A 77 35.71 18.42 7.02
CA SER A 77 36.86 17.52 7.14
C SER A 77 36.44 16.07 7.06
N TRP A 78 37.06 15.33 6.14
CA TRP A 78 36.81 13.91 6.00
C TRP A 78 37.62 13.07 6.98
N GLY A 79 36.98 12.04 7.52
CA GLY A 79 37.62 11.11 8.41
C GLY A 79 38.33 9.97 7.72
N PRO A 80 38.61 8.92 8.50
CA PRO A 80 39.19 7.67 7.90
C PRO A 80 38.24 7.03 6.90
N GLU A 81 38.77 6.66 5.75
CA GLU A 81 37.95 6.02 4.72
C GLU A 81 37.76 4.55 5.01
N GLU A 82 36.56 4.06 4.79
CA GLU A 82 36.29 2.62 4.72
C GLU A 82 35.98 2.29 3.25
N ARG A 83 36.69 1.31 2.70
CA ARG A 83 36.53 0.94 1.29
C ARG A 83 36.15 -0.52 1.18
N LYS A 84 35.25 -0.86 0.28
CA LYS A 84 35.01 -2.24 -0.04
C LYS A 84 35.20 -2.38 -1.55
N THR A 85 35.95 -3.40 -1.94
CA THR A 85 36.30 -3.56 -3.35
C THR A 85 35.14 -4.16 -4.10
N HIS A 86 34.24 -4.82 -3.38
CA HIS A 86 33.04 -5.28 -3.99
C HIS A 86 32.22 -4.08 -4.57
N MET A 87 31.97 -4.09 -5.88
CA MET A 87 31.18 -3.05 -6.58
C MET A 87 29.85 -3.70 -7.04
N PRO A 88 28.76 -3.52 -6.29
CA PRO A 88 27.50 -4.18 -6.61
C PRO A 88 26.61 -3.32 -7.58
N PHE A 89 27.19 -2.33 -8.24
CA PHE A 89 26.51 -1.48 -9.20
C PHE A 89 27.19 -1.67 -10.54
N GLN A 90 26.46 -1.36 -11.60
CA GLN A 90 26.97 -1.41 -12.98
C GLN A 90 26.50 -0.19 -13.77
N LYS A 91 27.39 0.38 -14.59
CA LYS A 91 27.03 1.48 -15.49
C LYS A 91 25.85 1.07 -16.36
N GLY A 92 24.83 1.94 -16.41
CA GLY A 92 23.65 1.69 -17.23
C GLY A 92 22.56 0.83 -16.60
N MET A 93 22.81 0.30 -15.40
CA MET A 93 21.92 -0.68 -14.83
C MET A 93 21.15 -0.05 -13.65
N PRO A 94 19.86 -0.44 -13.48
CA PRO A 94 19.06 0.00 -12.36
C PRO A 94 19.47 -0.67 -11.05
N PHE A 95 19.13 -0.05 -9.93
CA PHE A 95 19.42 -0.60 -8.62
C PHE A 95 18.37 -0.22 -7.59
N ASP A 96 18.25 -1.06 -6.58
CA ASP A 96 17.55 -0.73 -5.34
C ASP A 96 18.61 -0.65 -4.25
N LEU A 97 18.80 0.54 -3.70
CA LEU A 97 19.77 0.77 -2.68
C LEU A 97 18.99 1.10 -1.41
N CYS A 98 19.16 0.30 -0.38
CA CYS A 98 18.38 0.43 0.85
C CYS A 98 19.28 0.74 2.02
N PHE A 99 19.01 1.80 2.75
CA PHE A 99 19.73 2.15 3.97
C PHE A 99 18.83 1.87 5.16
N LEU A 100 19.30 1.09 6.11
CA LEU A 100 18.57 0.88 7.37
C LEU A 100 19.35 1.48 8.51
N VAL A 101 18.73 2.39 9.27
CA VAL A 101 19.36 2.98 10.43
C VAL A 101 19.16 2.05 11.60
N GLN A 102 20.26 1.60 12.19
CA GLN A 102 20.24 0.79 13.40
C GLN A 102 20.99 1.56 14.50
N SER A 103 21.03 0.98 15.70
CA SER A 103 21.47 1.77 16.86
C SER A 103 22.95 2.07 16.82
N SER A 104 23.77 1.13 16.37
CA SER A 104 25.23 1.42 16.31
C SER A 104 25.75 1.66 14.91
N ASP A 105 24.97 1.38 13.88
CA ASP A 105 25.41 1.47 12.50
C ASP A 105 24.28 1.65 11.52
N PHE A 106 24.65 1.96 10.30
CA PHE A 106 23.79 1.82 9.15
C PHE A 106 24.02 0.46 8.53
N LYS A 107 23.01 -0.18 7.99
CA LYS A 107 23.20 -1.34 7.10
C LYS A 107 22.78 -0.92 5.74
N VAL A 108 23.52 -1.37 4.73
CA VAL A 108 23.26 -0.97 3.35
C VAL A 108 23.07 -2.21 2.51
N MET A 109 21.88 -2.33 1.90
CA MET A 109 21.49 -3.44 1.04
C MET A 109 21.47 -2.96 -0.39
N VAL A 110 21.97 -3.79 -1.30
CA VAL A 110 21.92 -3.47 -2.70
C VAL A 110 21.31 -4.64 -3.40
N ASN A 111 20.21 -4.35 -4.11
CA ASN A 111 19.49 -5.40 -4.86
C ASN A 111 19.22 -6.66 -4.02
N GLY A 112 18.78 -6.39 -2.80
CA GLY A 112 18.34 -7.41 -1.86
C GLY A 112 19.41 -8.16 -1.08
N ILE A 113 20.66 -7.75 -1.21
CA ILE A 113 21.77 -8.43 -0.50
C ILE A 113 22.50 -7.40 0.37
N LEU A 114 22.73 -7.75 1.65
CA LEU A 114 23.55 -6.91 2.51
C LEU A 114 24.89 -6.68 1.83
N PHE A 115 25.27 -5.41 1.72
CA PHE A 115 26.50 -5.00 1.03
C PHE A 115 27.58 -4.52 2.04
N VAL A 116 27.27 -3.50 2.83
CA VAL A 116 28.18 -2.99 3.89
C VAL A 116 27.38 -2.56 5.11
N GLN A 117 28.09 -2.41 6.22
CA GLN A 117 27.60 -1.66 7.38
C GLN A 117 28.53 -0.48 7.55
N TYR A 118 28.10 0.52 8.31
CA TYR A 118 28.90 1.70 8.62
C TYR A 118 28.55 2.15 10.03
N PHE A 119 29.51 2.02 10.96
CA PHE A 119 29.30 2.46 12.33
C PHE A 119 29.10 3.97 12.40
N HIS A 120 28.11 4.40 13.20
CA HIS A 120 27.91 5.83 13.42
C HIS A 120 29.13 6.45 14.02
N ARG A 121 29.56 7.58 13.45
CA ARG A 121 30.66 8.37 14.00
C ARG A 121 30.18 9.67 14.63
N VAL A 122 29.04 10.14 14.19
CA VAL A 122 28.35 11.28 14.79
C VAL A 122 26.91 10.84 15.08
N PRO A 123 26.20 11.58 15.92
CA PRO A 123 24.85 11.12 16.23
C PRO A 123 23.91 11.13 15.04
N PHE A 124 23.26 10.00 14.72
CA PHE A 124 22.41 10.01 13.54
C PHE A 124 21.20 10.91 13.64
N HIS A 125 20.77 11.24 14.85
CA HIS A 125 19.57 12.05 15.01
C HIS A 125 19.77 13.46 14.44
N ARG A 126 21.01 13.87 14.24
CA ARG A 126 21.25 15.19 13.66
C ARG A 126 21.12 15.25 12.15
N VAL A 127 20.98 14.10 11.53
CA VAL A 127 20.75 14.04 10.09
C VAL A 127 19.32 14.37 9.75
N ASP A 128 19.13 15.38 8.91
CA ASP A 128 17.83 15.82 8.50
C ASP A 128 17.66 15.97 7.03
N THR A 129 18.66 15.58 6.23
CA THR A 129 18.67 15.79 4.82
C THR A 129 19.39 14.62 4.12
N ILE A 130 18.90 14.21 2.95
CA ILE A 130 19.58 13.27 2.08
C ILE A 130 19.98 13.98 0.83
N SER A 131 21.19 13.74 0.34
CA SER A 131 21.66 14.29 -0.91
C SER A 131 22.19 13.17 -1.79
N VAL A 132 22.03 13.34 -3.09
CA VAL A 132 22.54 12.39 -4.09
C VAL A 132 23.20 13.17 -5.20
N ASN A 133 24.37 12.78 -5.61
CA ASN A 133 25.05 13.48 -6.69
C ASN A 133 25.82 12.49 -7.54
N GLY A 134 26.30 12.98 -8.65
CA GLY A 134 27.17 12.25 -9.59
C GLY A 134 26.43 11.46 -10.65
N SER A 135 27.02 10.33 -11.02
CA SER A 135 26.66 9.62 -12.25
C SER A 135 25.47 8.68 -12.13
N VAL A 136 24.36 9.23 -11.72
CA VAL A 136 23.16 8.48 -11.46
C VAL A 136 21.96 9.30 -11.88
N GLN A 137 20.90 8.61 -12.28
CA GLN A 137 19.57 9.22 -12.41
C GLN A 137 18.67 8.50 -11.37
N LEU A 138 17.68 9.20 -10.85
CA LEU A 138 16.85 8.68 -9.79
C LEU A 138 15.41 8.53 -10.19
N SER A 139 14.80 7.40 -9.83
CA SER A 139 13.37 7.22 -9.99
C SER A 139 12.62 7.63 -8.71
N TYR A 140 13.08 7.18 -7.56
CA TYR A 140 12.46 7.66 -6.32
C TYR A 140 13.35 7.48 -5.10
N ILE A 141 13.07 8.25 -4.06
CA ILE A 141 13.60 8.07 -2.71
C ILE A 141 12.39 7.94 -1.76
N SER A 142 12.34 6.84 -1.04
CA SER A 142 11.24 6.57 -0.12
C SER A 142 11.74 6.35 1.29
N PHE A 143 10.85 6.55 2.23
CA PHE A 143 11.14 6.49 3.66
C PHE A 143 10.09 5.61 4.31
N GLN A 144 10.52 4.56 5.00
CA GLN A 144 9.58 3.66 5.63
C GLN A 144 10.07 2.88 6.81
N GLN B 3 -3.90 10.11 -3.68
CA GLN B 3 -3.56 8.69 -3.66
C GLN B 3 -2.06 8.47 -3.57
N ALA B 4 -1.64 7.58 -2.68
CA ALA B 4 -0.23 7.26 -2.57
C ALA B 4 0.25 6.52 -3.82
N PRO B 5 1.53 6.65 -4.17
CA PRO B 5 2.01 5.99 -5.37
C PRO B 5 2.14 4.49 -5.18
N TYR B 6 2.05 3.76 -6.27
CA TYR B 6 2.47 2.35 -6.27
C TYR B 6 3.99 2.32 -6.52
N LEU B 7 4.79 1.93 -5.51
CA LEU B 7 6.25 1.93 -5.66
C LEU B 7 6.68 0.53 -6.04
N SER B 8 7.61 0.48 -6.99
CA SER B 8 8.17 -0.77 -7.50
C SER B 8 7.11 -1.87 -7.75
N PRO B 9 6.04 -1.53 -8.47
CA PRO B 9 5.01 -2.55 -8.71
C PRO B 9 5.51 -3.59 -9.71
N ALA B 10 5.15 -4.84 -9.50
CA ALA B 10 5.48 -5.91 -10.43
C ALA B 10 4.62 -5.81 -11.70
N VAL B 11 5.21 -6.20 -12.81
CA VAL B 11 4.55 -6.23 -14.12
C VAL B 11 4.31 -7.69 -14.47
N PRO B 12 3.09 -8.07 -14.94
CA PRO B 12 1.98 -7.21 -15.26
C PRO B 12 1.30 -6.65 -13.99
N PHE B 13 0.87 -5.39 -14.08
CA PHE B 13 0.28 -4.68 -12.98
C PHE B 13 -1.14 -4.26 -13.30
N SER B 14 -2.02 -4.33 -12.32
CA SER B 14 -3.29 -3.63 -12.45
C SER B 14 -3.61 -3.05 -11.08
N GLY B 15 -4.09 -1.82 -11.05
CA GLY B 15 -4.42 -1.18 -9.79
C GLY B 15 -5.48 -0.14 -9.94
N THR B 16 -6.14 0.08 -8.81
CA THR B 16 -7.22 1.02 -8.75
C THR B 16 -6.73 2.44 -8.77
N ILE B 17 -7.45 3.31 -9.43
CA ILE B 17 -7.25 4.74 -9.43
C ILE B 17 -8.34 5.26 -8.49
N GLN B 18 -8.01 5.65 -7.27
CA GLN B 18 -9.04 6.02 -6.30
C GLN B 18 -9.77 7.26 -6.79
N GLY B 19 -11.10 7.19 -6.74
CA GLY B 19 -11.98 8.26 -7.26
C GLY B 19 -12.13 8.39 -8.75
N GLY B 20 -11.46 7.54 -9.51
CA GLY B 20 -11.55 7.52 -10.95
C GLY B 20 -10.76 8.63 -11.64
N LEU B 21 -10.66 8.60 -12.96
CA LEU B 21 -10.02 9.70 -13.66
C LEU B 21 -10.84 10.97 -13.44
N GLN B 22 -10.12 12.09 -13.36
CA GLN B 22 -10.71 13.38 -13.10
C GLN B 22 -10.04 14.37 -14.02
N ASP B 23 -10.79 15.37 -14.46
CA ASP B 23 -10.23 16.44 -15.26
C ASP B 23 -9.04 17.07 -14.48
N GLY B 24 -7.90 17.12 -15.16
CA GLY B 24 -6.69 17.65 -14.56
C GLY B 24 -5.78 16.64 -13.91
N LEU B 25 -6.22 15.41 -13.73
CA LEU B 25 -5.38 14.40 -13.06
C LEU B 25 -4.15 14.12 -13.96
N GLN B 26 -2.98 13.96 -13.35
CA GLN B 26 -1.75 13.60 -14.03
C GLN B 26 -1.29 12.25 -13.45
N ILE B 27 -1.12 11.29 -14.32
CA ILE B 27 -0.74 9.95 -13.93
C ILE B 27 0.62 9.66 -14.57
N THR B 28 1.60 9.33 -13.71
CA THR B 28 2.96 9.06 -14.13
C THR B 28 3.26 7.56 -14.03
N VAL B 29 3.81 7.02 -15.10
CA VAL B 29 4.34 5.67 -15.16
C VAL B 29 5.82 5.78 -15.41
N ASN B 30 6.63 5.35 -14.46
CA ASN B 30 8.07 5.58 -14.55
C ASN B 30 8.74 4.22 -14.45
N GLY B 31 9.66 3.93 -15.35
CA GLY B 31 10.33 2.63 -15.37
C GLY B 31 11.39 2.55 -16.39
N THR B 32 11.70 1.32 -16.79
CA THR B 32 12.74 1.06 -17.79
C THR B 32 12.19 0.03 -18.80
N VAL B 33 12.41 0.27 -20.08
CA VAL B 33 12.08 -0.74 -21.12
C VAL B 33 13.15 -1.85 -21.05
N LEU B 34 12.63 -3.09 -20.99
CA LEU B 34 13.50 -4.24 -20.96
C LEU B 34 14.14 -4.48 -22.33
N SER B 35 15.29 -5.08 -22.28
CA SER B 35 16.12 -5.29 -23.46
C SER B 35 15.75 -6.53 -24.25
N SER B 36 15.38 -7.60 -23.55
CA SER B 36 15.29 -8.93 -24.17
C SER B 36 14.03 -9.66 -23.68
N SER B 37 12.98 -8.94 -23.42
CA SER B 37 11.78 -9.49 -22.85
C SER B 37 10.57 -9.17 -23.71
N GLY B 38 10.75 -9.14 -25.01
CA GLY B 38 9.63 -8.90 -25.93
C GLY B 38 9.69 -7.53 -26.57
N THR B 39 8.73 -7.28 -27.42
CA THR B 39 8.78 -6.14 -28.33
C THR B 39 7.72 -5.12 -28.10
N ARG B 40 6.94 -5.24 -27.06
CA ARG B 40 5.84 -4.29 -26.82
C ARG B 40 5.60 -4.06 -25.34
N PHE B 41 5.07 -2.91 -24.98
CA PHE B 41 4.49 -2.75 -23.66
C PHE B 41 3.26 -1.90 -23.84
N ALA B 42 2.41 -1.93 -22.82
CA ALA B 42 1.12 -1.18 -22.83
C ALA B 42 0.79 -0.59 -21.49
N VAL B 43 0.22 0.60 -21.54
CA VAL B 43 -0.45 1.25 -20.42
C VAL B 43 -1.89 1.38 -20.82
N ASN B 44 -2.81 0.90 -19.96
CA ASN B 44 -4.25 0.91 -20.21
C ASN B 44 -4.97 1.66 -19.10
N PHE B 45 -5.85 2.58 -19.51
CA PHE B 45 -6.76 3.25 -18.62
C PHE B 45 -8.12 2.63 -18.87
N GLN B 46 -8.69 1.97 -17.90
CA GLN B 46 -9.82 1.08 -18.10
C GLN B 46 -10.84 1.11 -17.00
N THR B 47 -12.00 0.55 -17.32
CA THR B 47 -13.09 0.48 -16.37
C THR B 47 -13.02 -0.89 -15.71
N GLY B 48 -12.62 -0.92 -14.45
CA GLY B 48 -12.46 -2.17 -13.73
C GLY B 48 -11.30 -3.01 -14.24
N PHE B 49 -11.23 -4.26 -13.80
CA PHE B 49 -10.08 -5.13 -13.98
C PHE B 49 -10.21 -6.09 -15.16
N SER B 50 -11.31 -6.06 -15.88
CA SER B 50 -11.45 -7.07 -16.96
C SER B 50 -10.55 -6.83 -18.11
N GLY B 51 -10.31 -5.57 -18.44
CA GLY B 51 -9.58 -5.31 -19.65
C GLY B 51 -10.41 -5.27 -20.90
N ASN B 52 -11.71 -5.45 -20.83
CA ASN B 52 -12.58 -5.37 -21.99
C ASN B 52 -13.06 -4.00 -22.32
N ASP B 53 -12.96 -3.06 -21.37
CA ASP B 53 -13.38 -1.66 -21.57
C ASP B 53 -12.22 -0.74 -21.21
N ILE B 54 -11.40 -0.44 -22.21
CA ILE B 54 -10.18 0.33 -22.07
C ILE B 54 -10.41 1.63 -22.80
N ALA B 55 -10.51 2.71 -22.06
CA ALA B 55 -10.74 4.03 -22.66
C ALA B 55 -9.60 4.45 -23.46
N PHE B 56 -8.39 4.17 -22.95
CA PHE B 56 -7.17 4.56 -23.66
C PHE B 56 -6.10 3.52 -23.45
N HIS B 57 -5.72 2.89 -24.55
CA HIS B 57 -4.65 1.88 -24.64
C HIS B 57 -3.49 2.57 -25.33
N PHE B 58 -2.33 2.60 -24.68
CA PHE B 58 -1.12 3.28 -25.17
C PHE B 58 -0.06 2.19 -25.30
N ASN B 59 0.38 1.86 -26.53
CA ASN B 59 1.09 0.58 -26.78
C ASN B 59 2.27 0.78 -27.70
N PRO B 60 3.42 1.19 -27.12
CA PRO B 60 4.64 1.23 -27.90
C PRO B 60 5.08 -0.16 -28.39
N ARG B 61 5.49 -0.22 -29.64
CA ARG B 61 5.89 -1.48 -30.32
C ARG B 61 7.26 -1.26 -30.98
N PHE B 62 8.22 -2.06 -30.55
CA PHE B 62 9.54 -2.09 -31.11
C PHE B 62 9.52 -3.09 -32.27
N GLU B 63 8.72 -2.76 -33.28
CA GLU B 63 8.43 -3.64 -34.40
C GLU B 63 8.25 -2.77 -35.61
N ASP B 64 8.57 -3.30 -36.79
CA ASP B 64 8.33 -2.63 -38.07
C ASP B 64 8.83 -1.19 -38.10
N GLY B 65 10.01 -0.99 -37.57
CA GLY B 65 10.66 0.32 -37.55
C GLY B 65 10.35 1.14 -36.30
N GLY B 66 9.46 0.67 -35.42
CA GLY B 66 9.14 1.32 -34.12
C GLY B 66 8.00 2.27 -34.33
N TYR B 67 6.93 2.02 -33.57
CA TYR B 67 5.76 2.87 -33.64
C TYR B 67 4.93 2.69 -32.40
N VAL B 68 3.97 3.56 -32.13
CA VAL B 68 3.11 3.47 -31.00
C VAL B 68 1.66 3.42 -31.42
N VAL B 69 0.92 2.48 -30.87
CA VAL B 69 -0.50 2.34 -31.15
C VAL B 69 -1.29 2.93 -30.00
N CYS B 70 -2.24 3.78 -30.34
CA CYS B 70 -3.26 4.26 -29.42
C CYS B 70 -4.63 3.75 -29.87
N ASN B 71 -5.45 3.30 -28.93
CA ASN B 71 -6.81 2.77 -29.23
C ASN B 71 -7.70 2.76 -28.00
N THR B 72 -8.94 2.36 -28.23
CA THR B 72 -9.97 2.21 -27.23
C THR B 72 -10.61 0.87 -27.45
N ARG B 73 -10.93 0.21 -26.37
CA ARG B 73 -11.63 -1.07 -26.45
C ARG B 73 -12.94 -0.94 -25.72
N GLN B 74 -14.02 -1.37 -26.36
CA GLN B 74 -15.37 -1.25 -25.78
C GLN B 74 -16.05 -2.58 -25.90
N ASN B 75 -16.47 -3.15 -24.78
CA ASN B 75 -17.14 -4.44 -24.77
C ASN B 75 -16.33 -5.53 -25.49
N GLY B 76 -15.00 -5.44 -25.33
CA GLY B 76 -14.08 -6.38 -25.91
C GLY B 76 -13.61 -6.06 -27.31
N SER B 77 -14.22 -5.08 -27.96
CA SER B 77 -13.86 -4.73 -29.35
C SER B 77 -12.98 -3.51 -29.44
N TRP B 78 -11.94 -3.63 -30.24
CA TRP B 78 -11.02 -2.54 -30.55
C TRP B 78 -11.54 -1.65 -31.65
N GLY B 79 -11.33 -0.35 -31.48
CA GLY B 79 -11.67 0.64 -32.47
C GLY B 79 -10.59 0.84 -33.52
N PRO B 80 -10.65 1.96 -34.27
CA PRO B 80 -9.57 2.29 -35.21
C PRO B 80 -8.31 2.72 -34.44
N GLU B 81 -7.17 2.26 -34.90
CA GLU B 81 -5.89 2.63 -34.28
C GLU B 81 -5.44 3.99 -34.72
N GLU B 82 -4.83 4.71 -33.78
CA GLU B 82 -4.08 5.92 -34.08
C GLU B 82 -2.63 5.58 -33.83
N ARG B 83 -1.89 5.52 -34.91
CA ARG B 83 -0.46 5.16 -34.88
C ARG B 83 0.44 6.38 -34.98
N LYS B 84 1.48 6.36 -34.15
CA LYS B 84 2.55 7.37 -34.18
C LYS B 84 3.80 6.71 -34.68
N THR B 85 4.46 7.24 -35.71
CA THR B 85 5.70 6.65 -36.25
C THR B 85 6.98 7.13 -35.54
N HIS B 86 6.88 8.00 -34.55
CA HIS B 86 8.02 8.32 -33.69
C HIS B 86 8.01 7.41 -32.48
N MET B 87 9.09 6.65 -32.25
CA MET B 87 9.24 5.79 -31.07
C MET B 87 10.13 6.54 -30.06
N PRO B 88 9.52 7.09 -28.98
CA PRO B 88 10.26 7.94 -28.04
C PRO B 88 10.89 7.16 -26.89
N PHE B 89 10.81 5.82 -26.95
CA PHE B 89 11.41 4.94 -25.96
C PHE B 89 12.56 4.20 -26.58
N GLN B 90 13.41 3.61 -25.72
CA GLN B 90 14.51 2.78 -26.16
C GLN B 90 14.69 1.59 -25.24
N LYS B 91 14.89 0.44 -25.86
CA LYS B 91 15.17 -0.79 -25.11
C LYS B 91 16.33 -0.59 -24.20
N GLY B 92 16.15 -1.05 -22.96
CA GLY B 92 17.18 -0.90 -21.96
C GLY B 92 17.24 0.46 -21.28
N MET B 93 16.41 1.41 -21.66
CA MET B 93 16.57 2.77 -21.16
C MET B 93 15.39 3.18 -20.24
N PRO B 94 15.71 3.94 -19.18
CA PRO B 94 14.64 4.45 -18.32
C PRO B 94 13.77 5.48 -19.06
N PHE B 95 12.52 5.58 -18.64
CA PHE B 95 11.58 6.56 -19.21
C PHE B 95 10.69 7.11 -18.11
N ASP B 96 10.15 8.30 -18.38
CA ASP B 96 9.07 8.87 -17.60
C ASP B 96 7.93 9.15 -18.54
N LEU B 97 6.81 8.59 -18.20
CA LEU B 97 5.62 8.70 -19.01
C LEU B 97 4.56 9.36 -18.20
N CYS B 98 3.99 10.46 -18.68
CA CYS B 98 2.96 11.16 -17.87
C CYS B 98 1.73 11.39 -18.73
N PHE B 99 0.58 11.00 -18.18
CA PHE B 99 -0.72 11.10 -18.86
C PHE B 99 -1.50 12.21 -18.15
N LEU B 100 -1.88 13.21 -18.91
CA LEU B 100 -2.68 14.32 -18.39
C LEU B 100 -4.07 14.22 -18.97
N VAL B 101 -5.04 14.11 -18.08
CA VAL B 101 -6.44 14.04 -18.48
C VAL B 101 -7.03 15.43 -18.48
N GLN B 102 -7.61 15.80 -19.63
CA GLN B 102 -8.37 17.04 -19.73
C GLN B 102 -9.72 16.80 -20.41
N SER B 103 -10.50 17.84 -20.59
CA SER B 103 -11.89 17.64 -20.97
C SER B 103 -12.10 16.93 -22.29
N SER B 104 -11.27 17.24 -23.27
CA SER B 104 -11.41 16.74 -24.61
C SER B 104 -10.49 15.60 -24.93
N ASP B 105 -9.42 15.42 -24.17
CA ASP B 105 -8.36 14.49 -24.56
C ASP B 105 -7.49 14.02 -23.42
N PHE B 106 -6.73 12.97 -23.73
CA PHE B 106 -5.52 12.62 -22.99
C PHE B 106 -4.36 13.29 -23.71
N LYS B 107 -3.42 13.84 -22.95
CA LYS B 107 -2.12 14.25 -23.51
C LYS B 107 -1.04 13.43 -22.81
N VAL B 108 -0.10 12.90 -23.60
CA VAL B 108 0.90 12.00 -23.14
C VAL B 108 2.25 12.64 -23.32
N MET B 109 2.99 12.72 -22.23
CA MET B 109 4.32 13.34 -22.18
C MET B 109 5.32 12.20 -21.96
N VAL B 110 6.36 12.20 -22.77
CA VAL B 110 7.45 11.21 -22.61
C VAL B 110 8.72 11.98 -22.29
N ASN B 111 9.30 11.71 -21.13
CA ASN B 111 10.45 12.44 -20.65
C ASN B 111 10.23 13.96 -20.68
N GLY B 112 9.02 14.38 -20.28
CA GLY B 112 8.67 15.80 -20.14
C GLY B 112 8.19 16.46 -21.42
N ILE B 113 8.24 15.74 -22.54
CA ILE B 113 7.91 16.33 -23.84
C ILE B 113 6.59 15.78 -24.36
N LEU B 114 5.67 16.65 -24.79
CA LEU B 114 4.42 16.18 -25.35
C LEU B 114 4.65 15.26 -26.56
N PHE B 115 4.06 14.08 -26.51
CA PHE B 115 4.28 13.07 -27.56
C PHE B 115 3.02 12.82 -28.37
N VAL B 116 1.90 12.62 -27.69
CA VAL B 116 0.66 12.46 -28.45
C VAL B 116 -0.54 13.05 -27.68
N GLN B 117 -1.56 13.40 -28.46
CA GLN B 117 -2.86 13.77 -27.92
C GLN B 117 -3.87 12.76 -28.44
N TYR B 118 -4.80 12.34 -27.59
CA TYR B 118 -5.78 11.32 -27.94
C TYR B 118 -7.14 11.80 -27.49
N PHE B 119 -8.02 12.15 -28.43
CA PHE B 119 -9.37 12.65 -28.09
C PHE B 119 -10.21 11.53 -27.48
N HIS B 120 -10.96 11.86 -26.44
CA HIS B 120 -11.77 10.83 -25.79
C HIS B 120 -12.76 10.23 -26.76
N ARG B 121 -12.91 8.91 -26.67
CA ARG B 121 -13.93 8.18 -27.42
C ARG B 121 -15.08 7.69 -26.52
N VAL B 122 -14.78 7.56 -25.24
CA VAL B 122 -15.73 7.13 -24.21
C VAL B 122 -15.54 8.08 -23.02
N PRO B 123 -16.46 8.08 -22.08
CA PRO B 123 -16.32 9.04 -20.97
C PRO B 123 -15.16 8.71 -20.06
N PHE B 124 -14.23 9.64 -19.85
CA PHE B 124 -13.05 9.35 -19.06
C PHE B 124 -13.40 9.12 -17.62
N HIS B 125 -14.47 9.73 -17.12
CA HIS B 125 -14.76 9.65 -15.68
C HIS B 125 -15.09 8.24 -15.23
N ARG B 126 -15.43 7.37 -16.19
CA ARG B 126 -15.73 5.97 -15.89
C ARG B 126 -14.51 5.07 -15.76
N VAL B 127 -13.35 5.63 -16.01
CA VAL B 127 -12.09 4.92 -15.79
C VAL B 127 -11.67 4.97 -14.34
N ASP B 128 -11.42 3.78 -13.75
CA ASP B 128 -10.98 3.65 -12.37
C ASP B 128 -9.84 2.72 -12.15
N THR B 129 -9.14 2.32 -13.22
CA THR B 129 -8.14 1.25 -13.15
C THR B 129 -7.07 1.55 -14.14
N ILE B 130 -5.80 1.39 -13.75
CA ILE B 130 -4.67 1.44 -14.69
C ILE B 130 -4.01 0.08 -14.70
N SER B 131 -3.70 -0.42 -15.89
CA SER B 131 -2.94 -1.65 -16.04
C SER B 131 -1.72 -1.40 -16.90
N VAL B 132 -0.62 -2.06 -16.56
CA VAL B 132 0.63 -1.98 -17.32
C VAL B 132 1.10 -3.40 -17.59
N ASN B 133 1.48 -3.69 -18.80
CA ASN B 133 1.95 -5.04 -19.13
C ASN B 133 3.00 -4.97 -20.19
N GLY B 134 3.65 -6.09 -20.42
CA GLY B 134 4.68 -6.23 -21.45
C GLY B 134 6.08 -5.96 -20.98
N SER B 135 6.90 -5.43 -21.90
CA SER B 135 8.35 -5.48 -21.81
C SER B 135 8.93 -4.30 -21.06
N VAL B 136 8.49 -4.12 -19.81
CA VAL B 136 8.97 -3.03 -18.96
C VAL B 136 9.13 -3.54 -17.53
N GLN B 137 10.02 -2.90 -16.79
CA GLN B 137 10.02 -2.99 -15.32
C GLN B 137 9.69 -1.62 -14.82
N LEU B 138 8.94 -1.55 -13.74
CA LEU B 138 8.48 -0.27 -13.22
C LEU B 138 9.13 0.15 -11.92
N SER B 139 9.43 1.45 -11.82
CA SER B 139 9.82 2.05 -10.58
C SER B 139 8.67 2.61 -9.80
N TYR B 140 7.72 3.30 -10.47
CA TYR B 140 6.54 3.79 -9.76
C TYR B 140 5.41 4.17 -10.71
N ILE B 141 4.21 4.17 -10.15
CA ILE B 141 3.03 4.75 -10.79
C ILE B 141 2.48 5.74 -9.77
N SER B 142 2.29 6.99 -10.17
CA SER B 142 1.87 8.01 -9.26
C SER B 142 0.76 8.87 -9.83
N PHE B 143 0.12 9.61 -8.94
CA PHE B 143 -1.09 10.41 -9.23
C PHE B 143 -0.89 11.78 -8.62
N GLN B 144 -1.22 12.80 -9.37
CA GLN B 144 -1.18 14.16 -8.84
C GLN B 144 -2.30 14.98 -9.44
N GLN C 3 -26.15 -0.54 15.94
CA GLN C 3 -25.91 -1.99 16.17
C GLN C 3 -24.40 -2.21 16.26
N ALA C 4 -23.96 -3.08 17.17
CA ALA C 4 -22.55 -3.40 17.26
C ALA C 4 -22.12 -4.19 16.05
N PRO C 5 -20.84 -4.06 15.66
CA PRO C 5 -20.41 -4.78 14.49
C PRO C 5 -20.24 -6.25 14.74
N TYR C 6 -20.35 -7.01 13.65
CA TYR C 6 -19.93 -8.40 13.61
C TYR C 6 -18.42 -8.36 13.25
N LEU C 7 -17.57 -8.77 14.18
CA LEU C 7 -16.12 -8.78 14.02
C LEU C 7 -15.67 -10.16 13.58
N SER C 8 -14.82 -10.17 12.59
CA SER C 8 -14.28 -11.41 11.95
C SER C 8 -15.36 -12.50 11.86
N PRO C 9 -16.49 -12.21 11.27
CA PRO C 9 -17.52 -13.23 11.15
C PRO C 9 -17.11 -14.30 10.15
N ALA C 10 -17.35 -15.55 10.51
CA ALA C 10 -17.06 -16.65 9.60
C ALA C 10 -17.99 -16.69 8.39
N VAL C 11 -17.43 -17.01 7.24
CA VAL C 11 -18.18 -17.10 5.99
C VAL C 11 -18.36 -18.59 5.65
N PRO C 12 -19.58 -19.04 5.33
CA PRO C 12 -20.78 -18.28 5.10
C PRO C 12 -21.34 -17.69 6.39
N PHE C 13 -21.84 -16.47 6.27
CA PHE C 13 -22.36 -15.68 7.39
C PHE C 13 -23.83 -15.32 7.13
N SER C 14 -24.67 -15.43 8.16
CA SER C 14 -25.98 -14.79 8.13
C SER C 14 -26.19 -14.15 9.48
N GLY C 15 -26.62 -12.90 9.49
CA GLY C 15 -26.88 -12.22 10.75
C GLY C 15 -28.01 -11.21 10.68
N THR C 16 -28.62 -10.98 11.82
CA THR C 16 -29.70 -10.02 11.90
C THR C 16 -29.21 -8.60 11.72
N ILE C 17 -30.06 -7.79 11.10
CA ILE C 17 -29.89 -6.35 11.03
C ILE C 17 -30.93 -5.82 12.01
N GLN C 18 -30.44 -5.31 13.12
CA GLN C 18 -31.29 -4.76 14.18
C GLN C 18 -32.09 -3.59 13.68
N GLY C 19 -33.41 -3.68 13.82
CA GLY C 19 -34.30 -2.65 13.30
C GLY C 19 -34.68 -2.81 11.84
N GLY C 20 -34.11 -3.76 11.13
CA GLY C 20 -34.30 -3.87 9.69
C GLY C 20 -33.61 -2.78 8.92
N LEU C 21 -33.63 -2.87 7.59
CA LEU C 21 -33.15 -1.74 6.81
C LEU C 21 -34.00 -0.52 7.08
N GLN C 22 -33.34 0.61 7.13
CA GLN C 22 -33.99 1.90 7.33
C GLN C 22 -33.39 2.93 6.41
N ASP C 23 -34.15 3.93 6.03
CA ASP C 23 -33.66 5.03 5.21
C ASP C 23 -32.48 5.68 5.91
N GLY C 24 -31.35 5.80 5.23
CA GLY C 24 -30.14 6.38 5.77
C GLY C 24 -29.15 5.40 6.38
N LEU C 25 -29.56 4.16 6.55
CA LEU C 25 -28.68 3.14 7.16
C LEU C 25 -27.50 2.84 6.21
N GLN C 26 -26.29 2.76 6.78
CA GLN C 26 -25.07 2.44 6.00
C GLN C 26 -24.51 1.16 6.57
N ILE C 27 -24.41 0.14 5.72
CA ILE C 27 -23.95 -1.16 6.14
C ILE C 27 -22.62 -1.37 5.42
N THR C 28 -21.54 -1.54 6.19
CA THR C 28 -20.22 -1.79 5.64
C THR C 28 -19.88 -3.27 5.69
N VAL C 29 -19.34 -3.81 4.61
CA VAL C 29 -18.84 -5.17 4.55
C VAL C 29 -17.38 -5.04 4.17
N ASN C 30 -16.49 -5.41 5.07
CA ASN C 30 -15.08 -5.16 4.92
C ASN C 30 -14.38 -6.50 5.02
N GLY C 31 -13.56 -6.79 4.04
CA GLY C 31 -12.87 -8.07 4.03
C GLY C 31 -11.86 -8.18 2.93
N THR C 32 -11.57 -9.44 2.55
CA THR C 32 -10.60 -9.73 1.52
C THR C 32 -11.14 -10.81 0.59
N VAL C 33 -10.95 -10.63 -0.70
CA VAL C 33 -11.30 -11.66 -1.68
C VAL C 33 -10.22 -12.71 -1.59
N LEU C 34 -10.65 -13.96 -1.44
CA LEU C 34 -9.69 -15.07 -1.40
C LEU C 34 -9.05 -15.36 -2.76
N SER C 35 -7.84 -15.89 -2.73
CA SER C 35 -7.08 -16.15 -3.94
C SER C 35 -7.45 -17.47 -4.59
N SER C 36 -7.79 -18.48 -3.77
CA SER C 36 -7.82 -19.86 -4.27
C SER C 36 -9.01 -20.61 -3.68
N SER C 37 -10.13 -19.95 -3.52
CA SER C 37 -11.29 -20.51 -2.86
C SER C 37 -12.55 -20.28 -3.70
N GLY C 38 -12.43 -20.33 -5.04
CA GLY C 38 -13.62 -20.15 -5.90
C GLY C 38 -13.64 -18.82 -6.64
N THR C 39 -14.69 -18.59 -7.37
CA THR C 39 -14.75 -17.47 -8.30
C THR C 39 -15.88 -16.53 -8.10
N ARG C 40 -16.61 -16.63 -7.00
CA ARG C 40 -17.77 -15.74 -6.74
C ARG C 40 -17.92 -15.46 -5.27
N PHE C 41 -18.45 -14.32 -4.95
CA PHE C 41 -18.97 -14.08 -3.61
C PHE C 41 -20.27 -13.29 -3.70
N ALA C 42 -21.04 -13.31 -2.64
CA ALA C 42 -22.29 -12.56 -2.64
C ALA C 42 -22.57 -11.93 -1.30
N VAL C 43 -23.13 -10.73 -1.38
CA VAL C 43 -23.74 -10.06 -0.22
C VAL C 43 -25.22 -10.00 -0.47
N ASN C 44 -26.04 -10.54 0.44
CA ASN C 44 -27.50 -10.60 0.27
C ASN C 44 -28.20 -9.88 1.40
N PHE C 45 -29.11 -8.98 1.05
CA PHE C 45 -29.98 -8.30 1.94
C PHE C 45 -31.31 -8.99 1.80
N GLN C 46 -31.76 -9.68 2.83
CA GLN C 46 -32.84 -10.64 2.72
C GLN C 46 -33.78 -10.63 3.88
N THR C 47 -34.89 -11.41 3.74
CA THR C 47 -35.90 -11.55 4.77
C THR C 47 -35.72 -12.95 5.38
N GLY C 48 -35.26 -12.99 6.60
CA GLY C 48 -34.95 -14.26 7.27
C GLY C 48 -33.74 -14.97 6.69
N PHE C 49 -33.55 -16.21 7.16
CA PHE C 49 -32.30 -16.93 6.93
C PHE C 49 -32.35 -17.85 5.71
N SER C 50 -33.51 -18.04 5.08
CA SER C 50 -33.61 -19.06 4.03
C SER C 50 -32.90 -18.74 2.75
N GLY C 51 -32.91 -17.49 2.31
CA GLY C 51 -32.36 -17.17 1.01
C GLY C 51 -33.38 -17.16 -0.11
N ASN C 52 -34.64 -17.48 0.16
CA ASN C 52 -35.67 -17.43 -0.85
C ASN C 52 -36.22 -16.06 -1.22
N ASP C 53 -36.04 -15.11 -0.31
CA ASP C 53 -36.54 -13.75 -0.45
C ASP C 53 -35.40 -12.82 -0.16
N ILE C 54 -34.70 -12.45 -1.22
CA ILE C 54 -33.52 -11.60 -1.18
C ILE C 54 -33.82 -10.30 -1.93
N ALA C 55 -33.96 -9.21 -1.18
CA ALA C 55 -34.25 -7.91 -1.75
C ALA C 55 -33.17 -7.42 -2.67
N PHE C 56 -31.92 -7.66 -2.31
CA PHE C 56 -30.76 -7.21 -3.08
C PHE C 56 -29.65 -8.23 -2.92
N HIS C 57 -29.31 -8.88 -4.04
CA HIS C 57 -28.22 -9.82 -4.16
C HIS C 57 -27.13 -9.12 -4.97
N PHE C 58 -25.95 -8.96 -4.38
CA PHE C 58 -24.83 -8.26 -4.95
C PHE C 58 -23.76 -9.34 -5.11
N ASN C 59 -23.43 -9.70 -6.36
CA ASN C 59 -22.69 -10.95 -6.62
C ASN C 59 -21.56 -10.75 -7.61
N PRO C 60 -20.39 -10.34 -7.11
CA PRO C 60 -19.19 -10.29 -7.97
C PRO C 60 -18.75 -11.70 -8.41
N ARG C 61 -18.37 -11.82 -9.68
CA ARG C 61 -17.99 -13.08 -10.31
C ARG C 61 -16.69 -12.87 -11.05
N PHE C 62 -15.67 -13.59 -10.63
CA PHE C 62 -14.36 -13.56 -11.24
C PHE C 62 -14.32 -14.62 -12.33
N GLU C 63 -15.15 -14.37 -13.33
CA GLU C 63 -15.39 -15.29 -14.45
C GLU C 63 -15.57 -14.46 -15.70
N ASP C 64 -15.04 -14.96 -16.81
CA ASP C 64 -15.28 -14.32 -18.12
C ASP C 64 -14.76 -12.90 -18.13
N GLY C 65 -13.65 -12.69 -17.43
CA GLY C 65 -13.03 -11.36 -17.24
C GLY C 65 -13.43 -10.62 -16.00
N GLY C 66 -14.52 -11.02 -15.37
CA GLY C 66 -14.98 -10.34 -14.18
C GLY C 66 -16.17 -9.47 -14.43
N TYR C 67 -17.19 -9.67 -13.62
CA TYR C 67 -18.40 -8.85 -13.72
C TYR C 67 -19.21 -9.00 -12.45
N VAL C 68 -20.21 -8.16 -12.27
CA VAL C 68 -20.97 -8.19 -11.04
C VAL C 68 -22.46 -8.32 -11.39
N VAL C 69 -23.16 -9.25 -10.76
CA VAL C 69 -24.61 -9.42 -10.94
C VAL C 69 -25.38 -8.87 -9.77
N CYS C 70 -26.37 -8.02 -10.06
CA CYS C 70 -27.30 -7.52 -9.07
C CYS C 70 -28.70 -8.07 -9.40
N ASN C 71 -29.42 -8.55 -8.39
CA ASN C 71 -30.75 -9.11 -8.64
C ASN C 71 -31.54 -9.16 -7.33
N THR C 72 -32.76 -9.60 -7.45
CA THR C 72 -33.72 -9.78 -6.37
C THR C 72 -34.33 -11.15 -6.55
N ARG C 73 -34.54 -11.84 -5.44
CA ARG C 73 -35.22 -13.15 -5.46
C ARG C 73 -36.51 -12.99 -4.65
N GLN C 74 -37.65 -13.39 -5.22
CA GLN C 74 -38.94 -13.33 -4.53
C GLN C 74 -39.57 -14.69 -4.55
N ASN C 75 -39.84 -15.27 -3.37
CA ASN C 75 -40.47 -16.60 -3.26
C ASN C 75 -39.73 -17.58 -4.15
N GLY C 76 -38.42 -17.52 -4.08
CA GLY C 76 -37.58 -18.42 -4.78
C GLY C 76 -37.19 -18.04 -6.21
N SER C 77 -37.90 -17.08 -6.80
CA SER C 77 -37.71 -16.69 -8.20
C SER C 77 -36.77 -15.52 -8.37
N TRP C 78 -35.71 -15.72 -9.11
CA TRP C 78 -34.82 -14.63 -9.50
C TRP C 78 -35.45 -13.75 -10.58
N GLY C 79 -35.27 -12.43 -10.43
CA GLY C 79 -35.76 -11.51 -11.42
C GLY C 79 -34.74 -11.27 -12.55
N PRO C 80 -34.95 -10.17 -13.30
CA PRO C 80 -34.00 -9.81 -14.34
C PRO C 80 -32.69 -9.24 -13.73
N GLU C 81 -31.55 -9.74 -14.17
CA GLU C 81 -30.27 -9.30 -13.64
C GLU C 81 -29.91 -7.92 -14.14
N GLU C 82 -29.39 -7.11 -13.25
CA GLU C 82 -28.69 -5.90 -13.65
C GLU C 82 -27.23 -6.25 -13.53
N ARG C 83 -26.64 -6.58 -14.66
CA ARG C 83 -25.26 -7.02 -14.71
C ARG C 83 -24.33 -5.86 -15.04
N LYS C 84 -23.25 -5.76 -14.31
CA LYS C 84 -22.25 -4.71 -14.54
C LYS C 84 -21.03 -5.36 -15.17
N THR C 85 -20.61 -4.88 -16.31
CA THR C 85 -19.41 -5.32 -16.95
C THR C 85 -18.29 -4.44 -16.45
N HIS C 86 -18.13 -4.46 -15.15
CA HIS C 86 -17.21 -3.58 -14.43
C HIS C 86 -16.88 -4.28 -13.19
N MET C 87 -15.68 -4.82 -13.07
CA MET C 87 -15.22 -5.58 -11.89
C MET C 87 -14.24 -4.67 -11.15
N PRO C 88 -14.66 -4.23 -9.97
CA PRO C 88 -13.81 -3.32 -9.19
C PRO C 88 -13.04 -4.04 -8.10
N PHE C 89 -13.09 -5.37 -8.06
CA PHE C 89 -12.37 -6.18 -7.06
C PHE C 89 -11.31 -7.01 -7.72
N GLN C 90 -10.38 -7.52 -6.91
CA GLN C 90 -9.33 -8.42 -7.37
C GLN C 90 -9.24 -9.59 -6.39
N LYS C 91 -9.07 -10.78 -6.92
CA LYS C 91 -8.71 -11.91 -6.07
C LYS C 91 -7.45 -11.64 -5.28
N GLY C 92 -7.50 -12.01 -4.01
CA GLY C 92 -6.39 -11.84 -3.09
C GLY C 92 -6.34 -10.50 -2.42
N MET C 93 -7.21 -9.57 -2.83
CA MET C 93 -7.07 -8.18 -2.38
C MET C 93 -8.21 -7.76 -1.45
N PRO C 94 -7.89 -6.86 -0.52
CA PRO C 94 -8.89 -6.33 0.40
C PRO C 94 -9.92 -5.46 -0.30
N PHE C 95 -11.07 -5.38 0.33
CA PHE C 95 -12.16 -4.53 -0.18
C PHE C 95 -12.93 -3.95 0.99
N ASP C 96 -13.51 -2.78 0.75
CA ASP C 96 -14.46 -2.15 1.65
C ASP C 96 -15.71 -1.75 0.89
N LEU C 97 -16.82 -2.39 1.20
CA LEU C 97 -18.07 -2.13 0.50
C LEU C 97 -18.94 -1.39 1.50
N CYS C 98 -19.63 -0.38 1.02
CA CYS C 98 -20.63 0.33 1.87
C CYS C 98 -21.93 0.38 1.10
N PHE C 99 -22.96 -0.13 1.73
CA PHE C 99 -24.31 -0.14 1.16
C PHE C 99 -25.10 0.92 1.89
N LEU C 100 -25.53 1.95 1.15
CA LEU C 100 -26.38 3.01 1.69
C LEU C 100 -27.82 2.78 1.26
N VAL C 101 -28.74 2.70 2.22
CA VAL C 101 -30.18 2.55 1.95
C VAL C 101 -30.80 3.90 1.81
N GLN C 102 -31.46 4.17 0.68
CA GLN C 102 -32.25 5.39 0.51
C GLN C 102 -33.69 5.01 0.17
N SER C 103 -34.57 5.98 0.06
CA SER C 103 -35.97 5.62 -0.07
C SER C 103 -36.24 4.94 -1.40
N SER C 104 -35.50 5.29 -2.46
CA SER C 104 -35.76 4.67 -3.77
C SER C 104 -34.79 3.59 -4.18
N ASP C 105 -33.64 3.46 -3.53
CA ASP C 105 -32.57 2.62 -4.06
C ASP C 105 -31.55 2.31 -2.97
N PHE C 106 -30.76 1.30 -3.26
CA PHE C 106 -29.47 1.10 -2.60
C PHE C 106 -28.39 1.80 -3.43
N LYS C 107 -27.45 2.48 -2.77
CA LYS C 107 -26.20 2.95 -3.41
C LYS C 107 -25.04 2.14 -2.82
N VAL C 108 -24.18 1.60 -3.68
CA VAL C 108 -23.06 0.77 -3.27
C VAL C 108 -21.75 1.46 -3.58
N MET C 109 -20.98 1.73 -2.53
CA MET C 109 -19.67 2.37 -2.68
C MET C 109 -18.54 1.37 -2.48
N VAL C 110 -17.54 1.52 -3.37
CA VAL C 110 -16.25 0.85 -3.34
C VAL C 110 -15.16 1.84 -3.96
N ASN C 111 -13.93 1.87 -3.46
CA ASN C 111 -12.77 2.51 -4.18
C ASN C 111 -12.97 3.98 -4.51
N GLY C 112 -13.68 4.71 -3.68
CA GLY C 112 -13.81 6.15 -3.88
C GLY C 112 -14.84 6.50 -4.93
N ILE C 113 -15.51 5.47 -5.43
CA ILE C 113 -16.57 5.71 -6.36
C ILE C 113 -17.87 5.06 -5.81
N LEU C 114 -18.95 5.67 -6.25
CA LEU C 114 -20.19 5.02 -6.01
C LEU C 114 -20.00 4.03 -7.13
N PHE C 115 -20.27 2.78 -6.91
CA PHE C 115 -20.12 1.75 -7.92
C PHE C 115 -21.41 1.38 -8.64
N VAL C 116 -22.46 1.13 -7.91
CA VAL C 116 -23.76 0.90 -8.55
C VAL C 116 -24.90 1.42 -7.69
N GLN C 117 -26.00 1.73 -8.36
CA GLN C 117 -27.22 1.93 -7.61
C GLN C 117 -28.20 0.88 -8.11
N TYR C 118 -29.05 0.46 -7.18
CA TYR C 118 -30.01 -0.60 -7.42
C TYR C 118 -31.36 -0.15 -6.85
N PHE C 119 -32.29 0.17 -7.74
CA PHE C 119 -33.64 0.55 -7.32
C PHE C 119 -34.37 -0.57 -6.61
N HIS C 120 -35.05 -0.24 -5.52
CA HIS C 120 -35.79 -1.25 -4.75
C HIS C 120 -36.86 -1.89 -5.62
N ARG C 121 -36.93 -3.21 -5.53
CA ARG C 121 -37.97 -4.01 -6.20
C ARG C 121 -38.97 -4.55 -5.20
N VAL C 122 -38.60 -4.61 -3.94
CA VAL C 122 -39.45 -5.00 -2.84
C VAL C 122 -39.19 -4.01 -1.70
N PRO C 123 -40.10 -3.90 -0.72
CA PRO C 123 -39.87 -2.90 0.33
C PRO C 123 -38.65 -3.15 1.16
N PHE C 124 -37.81 -2.14 1.33
CA PHE C 124 -36.61 -2.36 2.04
C PHE C 124 -36.79 -2.69 3.51
N HIS C 125 -37.86 -2.22 4.11
CA HIS C 125 -38.00 -2.37 5.58
C HIS C 125 -38.21 -3.79 6.00
N ARG C 126 -38.58 -4.63 5.05
CA ARG C 126 -38.72 -6.06 5.31
C ARG C 126 -37.44 -6.88 5.20
N VAL C 127 -36.34 -6.25 4.86
CA VAL C 127 -35.06 -6.86 5.00
C VAL C 127 -34.63 -6.83 6.45
N ASP C 128 -34.39 -7.99 7.05
CA ASP C 128 -33.97 -8.07 8.44
C ASP C 128 -32.69 -8.85 8.64
N THR C 129 -32.01 -9.21 7.54
CA THR C 129 -30.89 -10.16 7.61
C THR C 129 -29.91 -9.80 6.52
N ILE C 130 -28.63 -9.86 6.85
CA ILE C 130 -27.52 -9.79 5.85
C ILE C 130 -26.86 -11.13 5.83
N SER C 131 -26.63 -11.66 4.64
CA SER C 131 -25.86 -12.90 4.43
C SER C 131 -24.70 -12.60 3.50
N VAL C 132 -23.59 -13.26 3.77
CA VAL C 132 -22.42 -13.20 2.88
C VAL C 132 -21.91 -14.60 2.69
N ASN C 133 -21.66 -14.96 1.44
CA ASN C 133 -21.15 -16.28 1.12
C ASN C 133 -20.12 -16.23 -0.01
N GLY C 134 -19.44 -17.35 -0.18
CA GLY C 134 -18.48 -17.47 -1.23
C GLY C 134 -17.07 -17.12 -0.89
N SER C 135 -16.33 -16.65 -1.90
CA SER C 135 -14.88 -16.57 -1.89
C SER C 135 -14.28 -15.31 -1.22
N VAL C 136 -14.69 -15.07 0.01
CA VAL C 136 -14.21 -13.95 0.82
C VAL C 136 -13.97 -14.41 2.23
N GLN C 137 -13.08 -13.71 2.91
CA GLN C 137 -12.99 -13.70 4.34
C GLN C 137 -13.38 -12.29 4.78
N LEU C 138 -13.98 -12.18 5.94
CA LEU C 138 -14.49 -10.88 6.41
C LEU C 138 -13.74 -10.40 7.60
N SER C 139 -13.44 -9.10 7.60
CA SER C 139 -12.92 -8.42 8.77
C SER C 139 -14.06 -7.95 9.69
N TYR C 140 -15.10 -7.35 9.08
CA TYR C 140 -16.25 -6.94 9.88
C TYR C 140 -17.42 -6.59 8.99
N ILE C 141 -18.61 -6.68 9.58
CA ILE C 141 -19.82 -6.06 9.05
C ILE C 141 -20.29 -5.08 10.07
N SER C 142 -20.46 -3.81 9.66
CA SER C 142 -20.78 -2.75 10.59
C SER C 142 -21.95 -1.92 10.08
N PHE C 143 -22.47 -1.13 11.01
CA PHE C 143 -23.68 -0.38 10.80
C PHE C 143 -23.53 1.04 11.32
N GLN C 144 -23.98 2.02 10.56
CA GLN C 144 -24.02 3.41 11.06
C GLN C 144 -25.18 4.18 10.45
N GLN D 3 -16.90 -0.45 25.06
CA GLN D 3 -16.37 0.49 24.06
C GLN D 3 -16.53 -0.05 22.63
N ALA D 4 -17.07 0.79 21.74
CA ALA D 4 -17.15 0.44 20.32
C ALA D 4 -15.77 0.27 19.73
N PRO D 5 -15.66 -0.64 18.76
CA PRO D 5 -14.35 -0.83 18.16
C PRO D 5 -13.93 0.36 17.28
N TYR D 6 -12.64 0.51 17.04
CA TYR D 6 -12.08 1.38 16.03
C TYR D 6 -12.00 0.52 14.78
N LEU D 7 -12.81 0.84 13.79
CA LEU D 7 -12.87 0.10 12.54
C LEU D 7 -11.96 0.77 11.50
N SER D 8 -11.17 -0.03 10.82
CA SER D 8 -10.23 0.42 9.79
C SER D 8 -9.49 1.68 10.16
N PRO D 9 -8.91 1.72 11.38
CA PRO D 9 -8.17 2.94 11.72
C PRO D 9 -6.92 3.04 10.85
N ALA D 10 -6.60 4.24 10.39
CA ALA D 10 -5.39 4.49 9.62
C ALA D 10 -4.17 4.37 10.54
N VAL D 11 -3.05 4.00 9.97
CA VAL D 11 -1.77 3.89 10.68
C VAL D 11 -0.88 5.06 10.22
N PRO D 12 -0.24 5.80 11.17
CA PRO D 12 -0.24 5.62 12.61
C PRO D 12 -1.57 5.96 13.27
N PHE D 13 -1.92 5.23 14.31
CA PHE D 13 -3.14 5.43 15.05
C PHE D 13 -2.89 5.66 16.51
N SER D 14 -3.64 6.54 17.12
CA SER D 14 -3.77 6.59 18.55
C SER D 14 -5.20 6.72 18.91
N GLY D 15 -5.64 5.99 19.90
CA GLY D 15 -7.01 6.02 20.34
C GLY D 15 -7.18 5.79 21.83
N THR D 16 -8.15 6.46 22.42
CA THR D 16 -8.45 6.27 23.81
C THR D 16 -9.01 4.91 24.13
N ILE D 17 -8.56 4.38 25.26
CA ILE D 17 -9.17 3.19 25.88
C ILE D 17 -10.13 3.64 26.96
N GLN D 18 -11.41 3.54 26.67
CA GLN D 18 -12.48 3.95 27.57
C GLN D 18 -12.38 3.17 28.87
N GLY D 19 -12.27 3.91 29.97
CA GLY D 19 -12.18 3.31 31.31
C GLY D 19 -10.76 3.02 31.73
N GLY D 20 -9.84 3.14 30.76
CA GLY D 20 -8.47 2.71 30.93
C GLY D 20 -8.27 1.19 30.96
N LEU D 21 -7.04 0.74 31.09
CA LEU D 21 -6.81 -0.71 31.23
C LEU D 21 -7.39 -1.18 32.57
N GLN D 22 -8.03 -2.34 32.55
CA GLN D 22 -8.64 -2.99 33.70
C GLN D 22 -8.26 -4.46 33.65
N ASP D 23 -8.15 -5.08 34.81
CA ASP D 23 -7.84 -6.50 34.90
C ASP D 23 -8.92 -7.28 34.15
N GLY D 24 -8.51 -8.19 33.27
CA GLY D 24 -9.44 -8.98 32.49
C GLY D 24 -9.84 -8.36 31.16
N LEU D 25 -9.43 -7.13 30.91
CA LEU D 25 -9.69 -6.53 29.60
C LEU D 25 -8.93 -7.22 28.49
N GLN D 26 -9.61 -7.43 27.37
CA GLN D 26 -9.00 -8.02 26.18
C GLN D 26 -9.01 -7.00 25.10
N ILE D 27 -7.84 -6.69 24.55
CA ILE D 27 -7.73 -5.69 23.52
C ILE D 27 -7.23 -6.42 22.25
N THR D 28 -8.06 -6.45 21.23
CA THR D 28 -7.71 -7.11 19.97
C THR D 28 -7.20 -6.08 19.00
N VAL D 29 -6.09 -6.38 18.34
CA VAL D 29 -5.53 -5.60 17.25
C VAL D 29 -5.50 -6.54 16.08
N ASN D 30 -6.41 -6.36 15.15
CA ASN D 30 -6.55 -7.21 13.98
C ASN D 30 -6.07 -6.43 12.77
N GLY D 31 -5.08 -6.98 12.04
CA GLY D 31 -4.49 -6.27 10.95
C GLY D 31 -3.65 -7.17 10.08
N THR D 32 -2.83 -6.54 9.24
CA THR D 32 -2.01 -7.24 8.27
C THR D 32 -0.66 -6.53 8.22
N VAL D 33 0.41 -7.31 8.24
CA VAL D 33 1.76 -6.72 8.07
C VAL D 33 1.93 -6.36 6.62
N LEU D 34 2.39 -5.14 6.37
CA LEU D 34 2.63 -4.72 4.98
C LEU D 34 3.82 -5.42 4.35
N SER D 35 3.75 -5.70 3.08
CA SER D 35 4.79 -6.43 2.36
C SER D 35 6.12 -5.72 2.09
N SER D 36 6.07 -4.43 1.80
CA SER D 36 7.26 -3.67 1.34
C SER D 36 7.18 -2.25 1.88
N SER D 37 6.98 -2.13 3.17
CA SER D 37 6.72 -0.85 3.78
C SER D 37 7.50 -0.69 5.07
N GLY D 38 8.73 -1.19 5.11
CA GLY D 38 9.57 -1.08 6.32
C GLY D 38 9.68 -2.32 7.17
N THR D 39 10.47 -2.23 8.22
CA THR D 39 10.97 -3.41 8.93
C THR D 39 10.35 -3.59 10.30
N ARG D 40 9.50 -2.70 10.84
CA ARG D 40 8.99 -2.83 12.16
C ARG D 40 7.58 -2.36 12.22
N PHE D 41 6.85 -2.81 13.25
CA PHE D 41 5.63 -2.17 13.72
C PHE D 41 5.58 -2.21 15.23
N ALA D 42 4.72 -1.40 15.83
CA ALA D 42 4.62 -1.32 17.27
C ALA D 42 3.19 -1.12 17.69
N VAL D 43 2.82 -1.78 18.78
CA VAL D 43 1.58 -1.52 19.52
C VAL D 43 2.00 -1.05 20.89
N ASN D 44 1.45 0.05 21.31
CA ASN D 44 1.84 0.71 22.55
C ASN D 44 0.62 0.93 23.43
N PHE D 45 0.70 0.57 24.70
CA PHE D 45 -0.28 0.84 25.71
C PHE D 45 0.34 1.97 26.57
N GLN D 46 -0.25 3.16 26.51
CA GLN D 46 0.42 4.35 26.98
C GLN D 46 -0.51 5.29 27.72
N THR D 47 0.10 6.30 28.33
CA THR D 47 -0.60 7.35 28.98
C THR D 47 -0.55 8.60 28.10
N GLY D 48 -1.72 8.98 27.62
CA GLY D 48 -1.86 10.15 26.77
C GLY D 48 -1.27 9.91 25.39
N PHE D 49 -1.05 10.99 24.68
CA PHE D 49 -0.69 10.95 23.27
C PHE D 49 0.78 11.20 23.00
N SER D 50 1.60 11.54 23.98
CA SER D 50 2.98 11.94 23.66
C SER D 50 3.91 10.80 23.21
N GLY D 51 3.65 9.61 23.71
CA GLY D 51 4.57 8.50 23.53
C GLY D 51 5.75 8.44 24.43
N ASN D 52 5.85 9.34 25.41
CA ASN D 52 6.94 9.28 26.37
C ASN D 52 6.71 8.36 27.54
N ASP D 53 5.45 7.97 27.78
CA ASP D 53 5.10 7.12 28.90
C ASP D 53 4.26 5.97 28.41
N ILE D 54 4.97 4.91 28.08
CA ILE D 54 4.43 3.72 27.48
C ILE D 54 4.62 2.56 28.43
N ALA D 55 3.51 2.09 29.00
CA ALA D 55 3.51 1.02 29.97
C ALA D 55 3.98 -0.27 29.31
N PHE D 56 3.55 -0.50 28.07
CA PHE D 56 3.89 -1.72 27.33
C PHE D 56 4.00 -1.43 25.87
N HIS D 57 5.22 -1.51 25.36
CA HIS D 57 5.60 -1.35 23.97
C HIS D 57 5.85 -2.76 23.45
N PHE D 58 5.15 -3.16 22.41
CA PHE D 58 5.24 -4.47 21.79
C PHE D 58 5.69 -4.21 20.36
N ASN D 59 6.87 -4.66 19.96
CA ASN D 59 7.57 -4.16 18.78
C ASN D 59 8.18 -5.29 17.92
N PRO D 60 7.38 -5.93 17.06
CA PRO D 60 7.95 -6.85 16.07
C PRO D 60 8.93 -6.18 15.12
N ARG D 61 10.08 -6.79 14.97
CA ARG D 61 11.11 -6.27 14.09
C ARG D 61 11.54 -7.33 13.11
N PHE D 62 11.40 -7.04 11.80
CA PHE D 62 11.80 -7.93 10.74
C PHE D 62 13.25 -7.59 10.42
N GLU D 63 14.10 -7.80 11.42
CA GLU D 63 15.54 -7.48 11.33
C GLU D 63 16.32 -8.56 12.07
N ASP D 64 17.52 -8.86 11.61
CA ASP D 64 18.42 -9.73 12.33
C ASP D 64 17.77 -11.05 12.64
N GLY D 65 17.05 -11.61 11.68
CA GLY D 65 16.39 -12.93 11.85
C GLY D 65 14.93 -12.85 12.31
N GLY D 66 14.49 -11.67 12.76
CA GLY D 66 13.10 -11.50 13.22
C GLY D 66 13.01 -11.69 14.72
N TYR D 67 12.47 -10.71 15.45
CA TYR D 67 12.31 -10.83 16.88
C TYR D 67 11.38 -9.74 17.32
N VAL D 68 10.74 -9.94 18.46
CA VAL D 68 9.89 -8.94 19.03
C VAL D 68 10.52 -8.36 20.28
N VAL D 69 10.50 -7.03 20.42
CA VAL D 69 10.92 -6.35 21.64
C VAL D 69 9.71 -5.92 22.47
N CYS D 70 9.78 -6.16 23.77
CA CYS D 70 8.82 -5.72 24.78
C CYS D 70 9.58 -4.81 25.73
N ASN D 71 9.04 -3.63 26.02
CA ASN D 71 9.67 -2.71 26.94
C ASN D 71 8.64 -1.71 27.50
N THR D 72 9.12 -0.84 28.35
CA THR D 72 8.36 0.21 29.03
C THR D 72 9.18 1.47 28.90
N ARG D 73 8.50 2.57 28.59
CA ARG D 73 9.11 3.89 28.52
C ARG D 73 8.53 4.74 29.62
N GLN D 74 9.38 5.40 30.44
CA GLN D 74 8.96 6.27 31.49
C GLN D 74 9.66 7.58 31.33
N ASN D 75 8.89 8.62 31.13
CA ASN D 75 9.45 9.92 30.92
C ASN D 75 10.50 9.98 29.80
N GLY D 76 10.22 9.29 28.71
CA GLY D 76 11.14 9.22 27.56
C GLY D 76 12.17 8.10 27.63
N SER D 77 12.42 7.56 28.80
CA SER D 77 13.49 6.59 29.00
C SER D 77 12.98 5.15 28.88
N TRP D 78 13.65 4.37 28.03
CA TRP D 78 13.36 2.96 27.86
C TRP D 78 14.05 2.16 28.96
N GLY D 79 13.34 1.15 29.49
CA GLY D 79 13.94 0.21 30.40
C GLY D 79 14.71 -0.96 29.76
N PRO D 80 14.98 -2.01 30.54
CA PRO D 80 15.57 -3.22 29.94
C PRO D 80 14.62 -3.96 28.99
N GLU D 81 15.14 -4.34 27.83
CA GLU D 81 14.28 -5.03 26.87
C GLU D 81 14.09 -6.50 27.19
N GLU D 82 12.93 -7.00 26.79
CA GLU D 82 12.64 -8.40 26.73
C GLU D 82 12.43 -8.75 25.26
N ARG D 83 13.17 -9.68 24.73
CA ARG D 83 13.09 -10.07 23.33
C ARG D 83 12.70 -11.52 23.16
N LYS D 84 11.97 -11.83 22.10
CA LYS D 84 11.71 -13.20 21.75
C LYS D 84 11.85 -13.38 20.24
N THR D 85 12.50 -14.45 19.81
CA THR D 85 12.64 -14.75 18.41
C THR D 85 11.51 -15.59 17.84
N HIS D 86 11.56 -15.91 16.55
CA HIS D 86 10.58 -16.80 15.88
C HIS D 86 9.16 -16.27 16.06
N MET D 87 9.04 -15.00 15.76
CA MET D 87 7.82 -14.24 15.99
C MET D 87 6.73 -14.66 15.01
N PRO D 88 5.46 -14.63 15.48
CA PRO D 88 4.38 -15.13 14.68
C PRO D 88 3.78 -14.04 13.78
N PHE D 89 4.65 -13.33 13.05
CA PHE D 89 4.22 -12.32 12.08
C PHE D 89 5.07 -12.54 10.87
N GLN D 90 4.46 -12.29 9.73
CA GLN D 90 5.12 -12.43 8.44
C GLN D 90 4.68 -11.28 7.56
N LYS D 91 5.61 -10.74 6.80
CA LYS D 91 5.28 -9.67 5.85
C LYS D 91 4.21 -10.13 4.89
N GLY D 92 3.21 -9.26 4.72
CA GLY D 92 2.07 -9.53 3.85
C GLY D 92 0.95 -10.35 4.46
N MET D 93 1.12 -10.82 5.69
CA MET D 93 0.15 -11.75 6.24
C MET D 93 -0.67 -11.11 7.35
N PRO D 94 -1.95 -11.50 7.45
CA PRO D 94 -2.81 -11.05 8.53
C PRO D 94 -2.43 -11.61 9.90
N PHE D 95 -2.81 -10.91 10.94
CA PHE D 95 -2.66 -11.39 12.30
C PHE D 95 -3.85 -10.93 13.15
N ASP D 96 -4.16 -11.74 14.15
CA ASP D 96 -5.10 -11.43 15.21
C ASP D 96 -4.35 -11.38 16.51
N LEU D 97 -4.04 -10.18 16.96
CA LEU D 97 -3.27 -9.97 18.18
C LEU D 97 -4.24 -9.71 19.31
N CYS D 98 -4.12 -10.39 20.41
CA CYS D 98 -4.99 -10.14 21.58
C CYS D 98 -4.11 -9.95 22.80
N PHE D 99 -4.30 -8.80 23.45
CA PHE D 99 -3.63 -8.45 24.69
C PHE D 99 -4.62 -8.63 25.83
N LEU D 100 -4.24 -9.45 26.79
CA LEU D 100 -5.06 -9.68 27.97
C LEU D 100 -4.35 -9.05 29.15
N VAL D 101 -5.03 -8.13 29.83
CA VAL D 101 -4.52 -7.48 31.05
C VAL D 101 -4.83 -8.40 32.22
N GLN D 102 -3.79 -8.79 32.96
CA GLN D 102 -3.97 -9.58 34.18
C GLN D 102 -3.32 -8.81 35.32
N SER D 103 -3.44 -9.35 36.52
CA SER D 103 -3.09 -8.57 37.68
C SER D 103 -1.59 -8.24 37.74
N SER D 104 -0.71 -9.16 37.32
CA SER D 104 0.71 -8.91 37.43
C SER D 104 1.39 -8.80 36.12
N ASP D 105 0.69 -9.09 35.02
CA ASP D 105 1.28 -9.07 33.70
C ASP D 105 0.24 -8.86 32.61
N PHE D 106 0.75 -8.62 31.40
CA PHE D 106 -0.02 -8.81 30.17
C PHE D 106 0.25 -10.21 29.63
N LYS D 107 -0.75 -10.84 29.02
CA LYS D 107 -0.51 -11.99 28.16
C LYS D 107 -0.83 -11.57 26.76
N VAL D 108 0.01 -11.98 25.85
CA VAL D 108 -0.15 -11.66 24.44
C VAL D 108 -0.36 -12.91 23.59
N MET D 109 -1.52 -13.01 22.95
CA MET D 109 -1.87 -14.12 22.05
C MET D 109 -1.78 -13.64 20.60
N VAL D 110 -1.30 -14.50 19.72
CA VAL D 110 -1.34 -14.24 18.29
C VAL D 110 -2.02 -15.41 17.65
N ASN D 111 -3.11 -15.12 16.94
CA ASN D 111 -3.90 -16.12 16.26
C ASN D 111 -4.33 -17.24 17.24
N GLY D 112 -4.72 -16.78 18.43
CA GLY D 112 -5.23 -17.66 19.46
C GLY D 112 -4.18 -18.45 20.24
N ILE D 113 -2.88 -18.27 19.98
CA ILE D 113 -1.81 -19.04 20.67
C ILE D 113 -0.98 -18.03 21.50
N LEU D 114 -0.81 -18.37 22.79
CA LEU D 114 0.05 -17.58 23.64
C LEU D 114 1.45 -17.41 23.03
N PHE D 115 1.90 -16.16 22.90
CA PHE D 115 3.23 -15.81 22.33
C PHE D 115 4.17 -15.34 23.46
N VAL D 116 3.82 -14.27 24.18
CA VAL D 116 4.69 -13.74 25.27
C VAL D 116 3.80 -13.34 26.43
N GLN D 117 4.42 -13.18 27.60
CA GLN D 117 3.86 -12.42 28.68
C GLN D 117 4.80 -11.27 28.99
N TYR D 118 4.31 -10.25 29.71
CA TYR D 118 5.09 -9.10 30.05
C TYR D 118 4.65 -8.60 31.44
N PHE D 119 5.53 -8.69 32.43
CA PHE D 119 5.20 -8.22 33.79
C PHE D 119 5.00 -6.70 33.78
N HIS D 120 3.96 -6.24 34.49
CA HIS D 120 3.74 -4.78 34.62
C HIS D 120 4.95 -4.17 35.35
N ARG D 121 5.48 -3.06 34.81
CA ARG D 121 6.56 -2.29 35.44
C ARG D 121 6.01 -0.95 35.99
N VAL D 122 4.87 -0.52 35.48
CA VAL D 122 4.16 0.67 35.97
C VAL D 122 2.68 0.27 36.09
N PRO D 123 1.89 1.03 36.84
CA PRO D 123 0.51 0.67 37.09
C PRO D 123 -0.31 0.68 35.83
N PHE D 124 -0.92 -0.43 35.46
CA PHE D 124 -1.75 -0.48 34.28
C PHE D 124 -2.92 0.43 34.23
N HIS D 125 -3.44 0.81 35.38
CA HIS D 125 -4.62 1.63 35.39
C HIS D 125 -4.35 3.03 34.83
N ARG D 126 -3.09 3.45 34.83
CA ARG D 126 -2.70 4.75 34.23
C ARG D 126 -2.68 4.77 32.69
N VAL D 127 -2.87 3.61 32.06
CA VAL D 127 -2.93 3.53 30.62
C VAL D 127 -4.32 3.89 30.13
N ASP D 128 -4.41 4.93 29.28
CA ASP D 128 -5.65 5.37 28.71
C ASP D 128 -5.68 5.37 27.20
N THR D 129 -4.60 4.95 26.58
CA THR D 129 -4.41 5.12 25.12
C THR D 129 -3.69 3.94 24.49
N ILE D 130 -4.13 3.52 23.31
CA ILE D 130 -3.43 2.53 22.49
C ILE D 130 -2.93 3.26 21.26
N SER D 131 -1.67 3.04 20.88
CA SER D 131 -1.15 3.56 19.64
C SER D 131 -0.55 2.44 18.81
N VAL D 132 -0.63 2.56 17.50
CA VAL D 132 -0.06 1.57 16.58
C VAL D 132 0.71 2.37 15.57
N ASN D 133 1.93 1.95 15.19
CA ASN D 133 2.67 2.60 14.16
C ASN D 133 3.50 1.57 13.37
N GLY D 134 3.98 2.01 12.22
CA GLY D 134 4.88 1.21 11.42
C GLY D 134 4.26 0.46 10.28
N SER D 135 4.85 -0.67 9.96
CA SER D 135 4.60 -1.39 8.73
C SER D 135 3.45 -2.33 8.78
N VAL D 136 2.30 -1.75 9.11
CA VAL D 136 1.10 -2.52 9.32
C VAL D 136 -0.13 -1.72 8.80
N GLN D 137 -1.18 -2.44 8.45
CA GLN D 137 -2.48 -1.87 8.17
C GLN D 137 -3.42 -2.53 9.18
N LEU D 138 -4.46 -1.83 9.58
CA LEU D 138 -5.38 -2.32 10.61
C LEU D 138 -6.75 -2.52 10.07
N SER D 139 -7.34 -3.66 10.42
CA SER D 139 -8.74 -3.96 10.19
C SER D 139 -9.60 -3.43 11.32
N TYR D 140 -9.23 -3.70 12.56
CA TYR D 140 -9.95 -3.14 13.71
C TYR D 140 -9.16 -3.27 14.97
N ILE D 141 -9.47 -2.36 15.92
CA ILE D 141 -9.07 -2.52 17.32
C ILE D 141 -10.33 -2.63 18.16
N SER D 142 -10.48 -3.69 18.95
CA SER D 142 -11.69 -3.94 19.70
C SER D 142 -11.40 -4.31 21.14
N PHE D 143 -12.42 -4.26 21.94
CA PHE D 143 -12.29 -4.32 23.39
C PHE D 143 -13.37 -5.23 23.94
N GLN D 144 -13.03 -6.02 24.91
CA GLN D 144 -14.02 -6.85 25.57
C GLN D 144 -13.63 -7.01 27.02
#